data_5GPR
#
_entry.id   5GPR
#
_cell.length_a   48.908
_cell.length_b   114.419
_cell.length_c   122.639
_cell.angle_alpha   90.00
_cell.angle_beta   90.00
_cell.angle_gamma   90.00
#
_symmetry.space_group_name_H-M   'P 2 21 21'
#
loop_
_entity.id
_entity.type
_entity.pdbx_description
1 polymer Chitinase
2 non-polymer 2-acetamido-2-deoxy-beta-D-glucopyranose
3 water water
#
_entity_poly.entity_id   1
_entity_poly.type   'polypeptide(L)'
_entity_poly.pdbx_seq_one_letter_code
;MGRLAIVVVATLALAAAAPPGKPSLGWGERTFAIVEVNQAATAYNQLVTKRDSADVSVTWNVWSGDPADKARVLLNDKEF
WSGTGGAAGSASFKVKKGGRYQMVVELCNADGCSQSDATEIIVADTDGSHLPPLDYNMGEKNKPFKQTSGKVVGAYFVEW
GVYPRKFPVDRVPIPNLTHLLYGFIPICGGDGINDSLKEIEGSFQALQRSCSGREDFKVSIHDPWAALQKPQKGLSSWNE
PYKGNFGQLMMLKQAKPDLKILPSIGGWTLADPFFFFTDETKRRRFVASVKDFLQTWKFFDGVDIDWEFPGGKGANPNLG
SPKDGEIYVLLMKELREMLNELSAETGRKYELTSAISAGWDKIQVVDYSAAQKYMDHIFFMSYDFKGAWSNDTLGHQASL
YAPDWNEKETYTTDFGVQFLLAQGVSPKKIVVGVAMYGRGWTGVHGYKDNNPFTGNATGPVKGTWQDGVVDYREIATEIA
QGKWEYHYDKVAQAPYVFRPATGDLITYDDARSTIEKGKYVRANKLGGLFAWEIDADNGDILNAMNMGLGNSA
;
_entity_poly.pdbx_strand_id   A
#
loop_
_chem_comp.id
_chem_comp.type
_chem_comp.name
_chem_comp.formula
NAG D-saccharide, beta linking 2-acetamido-2-deoxy-beta-D-glucopyranose 'C8 H15 N O6'
#
# COMPACT_ATOMS: atom_id res chain seq x y z
N ALA A 18 35.38 -31.79 35.63
CA ALA A 18 34.51 -32.71 34.92
C ALA A 18 33.07 -32.18 34.83
N PRO A 19 32.81 -31.33 33.82
CA PRO A 19 31.47 -30.78 33.58
C PRO A 19 30.50 -31.88 33.14
N PRO A 20 29.18 -31.62 33.21
CA PRO A 20 28.19 -32.65 32.85
C PRO A 20 28.27 -33.05 31.38
N GLY A 21 27.52 -34.09 31.02
CA GLY A 21 27.54 -34.60 29.66
C GLY A 21 26.96 -33.63 28.65
N LYS A 22 27.43 -33.73 27.41
CA LYS A 22 26.90 -32.91 26.33
C LYS A 22 25.46 -33.30 26.02
N PRO A 23 24.53 -32.34 26.17
CA PRO A 23 23.10 -32.57 25.96
C PRO A 23 22.76 -32.81 24.49
N SER A 24 21.78 -33.65 24.24
CA SER A 24 21.29 -33.88 22.89
C SER A 24 19.83 -33.50 22.79
N LEU A 25 19.54 -32.45 22.03
CA LEU A 25 18.18 -31.98 21.86
C LEU A 25 17.30 -33.02 21.19
N GLY A 26 16.02 -33.03 21.53
CA GLY A 26 15.05 -33.86 20.85
C GLY A 26 14.28 -33.02 19.86
N TRP A 27 13.95 -33.58 18.70
CA TRP A 27 13.30 -32.81 17.65
C TRP A 27 11.86 -32.44 18.01
N GLY A 28 11.59 -31.14 17.98
CA GLY A 28 10.25 -30.59 18.00
C GLY A 28 10.23 -29.64 16.83
N GLU A 29 9.13 -28.92 16.60
CA GLU A 29 9.15 -28.01 15.48
C GLU A 29 9.92 -26.74 15.85
N ARG A 30 10.67 -26.24 14.89
CA ARG A 30 11.58 -25.13 15.13
C ARG A 30 11.12 -23.86 14.43
N THR A 31 9.81 -23.76 14.22
CA THR A 31 9.21 -22.55 13.66
C THR A 31 8.04 -22.08 14.52
N PHE A 32 8.16 -20.88 15.06
CA PHE A 32 7.14 -20.30 15.92
C PHE A 32 6.71 -18.94 15.37
N ALA A 33 5.53 -18.48 15.76
CA ALA A 33 5.01 -17.23 15.24
C ALA A 33 4.48 -16.30 16.34
N ILE A 34 5.02 -15.08 16.38
CA ILE A 34 4.48 -14.04 17.25
C ILE A 34 3.05 -13.73 16.84
N VAL A 35 2.86 -13.50 15.54
CA VAL A 35 1.55 -13.34 14.96
C VAL A 35 1.22 -14.59 14.15
N GLU A 36 0.13 -15.25 14.49
CA GLU A 36 -0.22 -16.54 13.87
C GLU A 36 -1.22 -16.39 12.74
N VAL A 37 -1.00 -17.15 11.67
CA VAL A 37 -1.87 -17.10 10.50
C VAL A 37 -2.41 -18.48 10.15
N ASN A 38 -3.72 -18.61 10.13
CA ASN A 38 -4.38 -19.83 9.67
C ASN A 38 -4.37 -19.87 8.15
N GLN A 39 -3.43 -20.62 7.59
CA GLN A 39 -3.25 -20.67 6.14
C GLN A 39 -4.43 -21.32 5.39
N ALA A 40 -5.57 -21.45 6.05
CA ALA A 40 -6.72 -22.12 5.44
C ALA A 40 -8.05 -21.42 5.76
N ALA A 41 -7.97 -20.21 6.32
CA ALA A 41 -9.18 -19.48 6.70
C ALA A 41 -9.64 -18.55 5.59
N THR A 42 -10.90 -18.12 5.67
CA THR A 42 -11.45 -17.17 4.70
C THR A 42 -11.94 -15.90 5.40
N ALA A 43 -12.27 -16.03 6.68
CA ALA A 43 -12.65 -14.88 7.50
C ALA A 43 -11.41 -14.28 8.15
N TYR A 44 -11.49 -13.02 8.56
CA TYR A 44 -10.33 -12.34 9.13
C TYR A 44 -10.13 -12.69 10.60
N ASN A 45 -11.23 -12.90 11.32
CA ASN A 45 -11.17 -13.26 12.72
C ASN A 45 -10.54 -14.64 12.92
N GLN A 46 -10.76 -15.53 11.95
CA GLN A 46 -10.23 -16.89 12.02
C GLN A 46 -8.84 -16.96 11.38
N LEU A 47 -8.48 -15.93 10.63
CA LEU A 47 -7.23 -15.92 9.87
C LEU A 47 -6.02 -15.56 10.72
N VAL A 48 -6.14 -14.49 11.49
CA VAL A 48 -5.00 -13.96 12.23
C VAL A 48 -5.23 -13.93 13.73
N THR A 49 -4.19 -14.35 14.46
CA THR A 49 -4.18 -14.19 15.91
C THR A 49 -2.99 -13.35 16.31
N LYS A 50 -3.24 -12.11 16.74
CA LYS A 50 -2.16 -11.24 17.19
C LYS A 50 -1.75 -11.57 18.62
N ARG A 51 -0.62 -12.26 18.77
CA ARG A 51 -0.11 -12.60 20.09
C ARG A 51 1.04 -11.67 20.44
N ASP A 52 1.34 -11.57 21.72
CA ASP A 52 2.27 -10.58 22.27
C ASP A 52 3.69 -11.11 22.32
N SER A 53 3.82 -12.41 22.08
CA SER A 53 5.06 -13.14 22.28
C SER A 53 4.89 -14.56 21.77
N ALA A 54 5.98 -15.23 21.42
CA ALA A 54 5.88 -16.62 20.97
C ALA A 54 6.37 -17.58 22.05
N ASP A 55 5.71 -18.74 22.16
CA ASP A 55 6.10 -19.76 23.11
C ASP A 55 7.07 -20.73 22.46
N VAL A 56 8.29 -20.77 22.98
CA VAL A 56 9.32 -21.67 22.47
C VAL A 56 9.56 -22.82 23.44
N SER A 57 9.63 -24.03 22.92
CA SER A 57 9.81 -25.22 23.75
C SER A 57 11.00 -26.07 23.30
N VAL A 58 11.81 -26.47 24.26
CA VAL A 58 12.91 -27.38 24.01
C VAL A 58 12.73 -28.70 24.75
N THR A 59 13.26 -29.77 24.18
CA THR A 59 13.39 -31.00 24.93
C THR A 59 14.78 -31.58 24.67
N TRP A 60 15.49 -31.86 25.76
CA TRP A 60 16.84 -32.38 25.65
C TRP A 60 17.00 -33.62 26.51
N ASN A 61 18.19 -34.21 26.45
CA ASN A 61 18.44 -35.48 27.11
C ASN A 61 19.92 -35.76 27.22
N VAL A 62 20.39 -36.03 28.43
CA VAL A 62 21.70 -36.61 28.61
C VAL A 62 21.56 -37.91 29.39
N TRP A 63 22.01 -39.01 28.79
CA TRP A 63 21.85 -40.32 29.37
C TRP A 63 22.76 -40.49 30.59
N SER A 64 22.12 -40.76 31.73
CA SER A 64 22.79 -40.82 33.02
C SER A 64 23.50 -39.49 33.33
N GLY A 65 22.75 -38.57 33.94
CA GLY A 65 23.29 -37.29 34.36
C GLY A 65 22.61 -36.83 35.63
N ASP A 66 23.22 -35.86 36.30
CA ASP A 66 22.64 -35.31 37.52
C ASP A 66 21.46 -34.42 37.18
N PRO A 67 20.25 -34.83 37.57
CA PRO A 67 19.04 -34.05 37.28
C PRO A 67 18.97 -32.79 38.14
N ALA A 68 19.88 -32.68 39.10
CA ALA A 68 19.96 -31.51 39.95
C ALA A 68 20.98 -30.50 39.41
N ASP A 69 21.63 -30.87 38.31
CA ASP A 69 22.53 -29.96 37.60
C ASP A 69 21.70 -28.76 37.20
N LYS A 70 22.33 -27.61 36.91
CA LYS A 70 21.56 -26.45 36.46
C LYS A 70 21.57 -26.39 34.94
N ALA A 71 20.51 -25.84 34.35
CA ALA A 71 20.36 -25.81 32.90
C ALA A 71 19.85 -24.47 32.39
N ARG A 72 20.35 -24.06 31.24
CA ARG A 72 19.94 -22.82 30.59
C ARG A 72 19.70 -23.03 29.11
N VAL A 73 18.76 -22.29 28.55
CA VAL A 73 18.55 -22.27 27.11
C VAL A 73 19.04 -20.96 26.53
N LEU A 74 19.91 -21.04 25.52
CA LEU A 74 20.55 -19.85 24.98
C LEU A 74 20.19 -19.60 23.52
N LEU A 75 19.50 -18.50 23.27
CA LEU A 75 19.23 -18.06 21.90
C LEU A 75 20.25 -17.00 21.48
N ASN A 76 21.09 -17.36 20.52
CA ASN A 76 22.20 -16.50 20.08
C ASN A 76 23.06 -16.08 21.26
N ASP A 77 23.25 -17.01 22.18
CA ASP A 77 24.23 -16.91 23.26
C ASP A 77 23.89 -15.83 24.28
N LYS A 78 22.63 -15.43 24.30
CA LYS A 78 22.07 -14.68 25.42
C LYS A 78 20.95 -15.50 26.05
N GLU A 79 20.92 -15.52 27.38
CA GLU A 79 20.07 -16.43 28.14
C GLU A 79 18.57 -16.10 28.08
N PHE A 80 17.75 -17.14 27.93
CA PHE A 80 16.31 -16.97 27.83
C PHE A 80 15.52 -17.79 28.84
N TRP A 81 16.22 -18.66 29.57
CA TRP A 81 15.57 -19.57 30.48
C TRP A 81 16.59 -20.16 31.42
N SER A 82 16.23 -20.30 32.69
CA SER A 82 17.13 -20.86 33.68
C SER A 82 16.38 -21.87 34.54
N GLY A 83 17.00 -23.01 34.81
CA GLY A 83 16.36 -24.05 35.59
C GLY A 83 17.34 -25.14 36.00
N THR A 84 16.81 -26.34 36.21
CA THR A 84 17.65 -27.47 36.61
C THR A 84 17.82 -28.45 35.46
N GLY A 85 16.72 -28.99 34.94
CA GLY A 85 16.78 -29.90 33.80
C GLY A 85 17.69 -31.09 34.02
N GLY A 86 19.00 -30.83 34.04
CA GLY A 86 19.99 -31.86 34.31
C GLY A 86 20.03 -32.97 33.29
N ALA A 87 19.32 -34.06 33.58
CA ALA A 87 19.22 -35.19 32.66
C ALA A 87 17.77 -35.42 32.27
N ALA A 88 17.50 -35.45 30.98
CA ALA A 88 16.15 -35.59 30.44
C ALA A 88 15.22 -34.50 30.96
N GLY A 89 15.25 -33.34 30.33
CA GLY A 89 14.44 -32.21 30.76
C GLY A 89 13.71 -31.51 29.63
N SER A 90 12.90 -30.52 30.00
CA SER A 90 12.15 -29.72 29.03
C SER A 90 12.00 -28.29 29.54
N ALA A 91 11.94 -27.35 28.62
CA ALA A 91 11.80 -25.95 29.00
C ALA A 91 10.96 -25.16 28.01
N SER A 92 10.10 -24.30 28.53
CA SER A 92 9.31 -23.40 27.70
C SER A 92 9.51 -21.96 28.15
N PHE A 93 9.49 -21.02 27.21
CA PHE A 93 9.73 -19.62 27.52
C PHE A 93 9.13 -18.69 26.47
N LYS A 94 9.11 -17.40 26.77
CA LYS A 94 8.53 -16.40 25.89
C LYS A 94 9.59 -15.64 25.11
N VAL A 95 9.34 -15.45 23.81
CA VAL A 95 10.19 -14.61 22.97
C VAL A 95 9.33 -13.54 22.30
N LYS A 96 9.75 -12.29 22.39
CA LYS A 96 8.90 -11.17 22.00
C LYS A 96 9.34 -10.48 20.71
N LYS A 97 10.51 -10.86 20.19
CA LYS A 97 10.97 -10.29 18.93
C LYS A 97 11.44 -11.37 17.96
N GLY A 98 10.87 -11.36 16.75
CA GLY A 98 11.14 -12.38 15.76
C GLY A 98 12.56 -12.39 15.22
N GLY A 99 12.90 -13.44 14.49
CA GLY A 99 14.21 -13.56 13.88
C GLY A 99 14.61 -15.01 13.62
N ARG A 100 15.85 -15.22 13.27
CA ARG A 100 16.39 -16.55 13.05
C ARG A 100 17.45 -16.80 14.08
N TYR A 101 17.18 -17.71 15.00
CA TYR A 101 18.00 -17.88 16.21
C TYR A 101 18.87 -19.14 16.20
N GLN A 102 19.91 -19.11 17.03
CA GLN A 102 20.72 -20.30 17.31
C GLN A 102 20.44 -20.77 18.74
N MET A 103 19.82 -21.93 18.85
CA MET A 103 19.36 -22.41 20.15
C MET A 103 20.31 -23.46 20.75
N VAL A 104 20.72 -23.22 21.99
CA VAL A 104 21.63 -24.11 22.70
C VAL A 104 21.13 -24.37 24.11
N VAL A 105 21.20 -25.63 24.55
CA VAL A 105 20.90 -25.97 25.92
C VAL A 105 22.19 -26.19 26.71
N GLU A 106 22.34 -25.49 27.81
CA GLU A 106 23.56 -25.51 28.59
C GLU A 106 23.36 -26.20 29.93
N LEU A 107 24.25 -27.13 30.27
CA LEU A 107 24.21 -27.80 31.56
C LEU A 107 25.35 -27.34 32.46
N CYS A 108 25.11 -27.31 33.76
CA CYS A 108 26.07 -26.74 34.69
C CYS A 108 26.20 -27.52 36.00
N ASN A 109 27.41 -27.97 36.31
CA ASN A 109 27.68 -28.49 37.64
C ASN A 109 28.81 -27.70 38.31
N ALA A 110 29.38 -28.26 39.37
CA ALA A 110 30.36 -27.54 40.18
C ALA A 110 31.69 -27.30 39.46
N ASP A 111 31.96 -28.10 38.43
CA ASP A 111 33.24 -27.99 37.73
C ASP A 111 33.17 -27.03 36.55
N GLY A 112 32.24 -27.28 35.63
CA GLY A 112 32.11 -26.45 34.45
C GLY A 112 30.76 -26.55 33.78
N CYS A 113 30.70 -26.11 32.52
CA CYS A 113 29.46 -26.14 31.77
C CYS A 113 29.58 -26.97 30.50
N SER A 114 28.46 -27.53 30.06
CA SER A 114 28.39 -28.23 28.80
C SER A 114 27.37 -27.56 27.90
N GLN A 115 27.62 -27.58 26.59
CA GLN A 115 26.68 -27.02 25.64
C GLN A 115 26.30 -28.05 24.60
N SER A 116 25.12 -27.89 24.01
CA SER A 116 24.65 -28.80 22.99
C SER A 116 24.90 -28.21 21.61
N ASP A 117 24.95 -29.07 20.59
CA ASP A 117 25.05 -28.59 19.22
C ASP A 117 23.85 -27.70 18.90
N ALA A 118 24.13 -26.50 18.42
CA ALA A 118 23.09 -25.52 18.15
C ALA A 118 22.14 -25.99 17.05
N THR A 119 20.88 -25.61 17.18
CA THR A 119 19.91 -25.84 16.12
C THR A 119 19.23 -24.50 15.81
N GLU A 120 18.89 -24.28 14.55
CA GLU A 120 18.30 -23.02 14.13
C GLU A 120 16.78 -23.07 14.24
N ILE A 121 16.20 -22.09 14.92
CA ILE A 121 14.76 -21.95 14.97
C ILE A 121 14.32 -20.65 14.30
N ILE A 122 13.05 -20.58 13.93
CA ILE A 122 12.51 -19.38 13.34
C ILE A 122 11.34 -18.85 14.16
N VAL A 123 11.55 -17.71 14.82
CA VAL A 123 10.47 -17.00 15.46
C VAL A 123 9.94 -15.98 14.46
N ALA A 124 8.77 -16.24 13.90
CA ALA A 124 8.24 -15.40 12.85
C ALA A 124 7.45 -14.23 13.42
N ASP A 125 7.58 -13.08 12.77
CA ASP A 125 6.82 -11.90 13.13
C ASP A 125 6.54 -11.11 11.86
N THR A 126 5.45 -10.36 11.85
CA THR A 126 5.10 -9.55 10.68
C THR A 126 6.06 -8.38 10.52
N ASP A 127 7.08 -8.36 11.37
CA ASP A 127 8.20 -7.44 11.30
C ASP A 127 9.03 -7.70 10.04
N GLY A 128 9.16 -8.97 9.67
CA GLY A 128 10.02 -9.38 8.58
C GLY A 128 11.35 -9.87 9.12
N SER A 129 11.45 -9.94 10.45
CA SER A 129 12.69 -10.24 11.13
C SER A 129 13.24 -11.63 10.81
N HIS A 130 12.34 -12.53 10.42
CA HIS A 130 12.72 -13.91 10.16
C HIS A 130 13.03 -14.14 8.69
N LEU A 131 12.90 -13.08 7.90
CA LEU A 131 12.99 -13.21 6.45
C LEU A 131 14.25 -12.54 5.89
N PRO A 132 14.74 -13.05 4.76
CA PRO A 132 15.81 -12.42 3.99
C PRO A 132 15.27 -11.26 3.17
N PRO A 133 16.14 -10.36 2.70
CA PRO A 133 15.69 -9.21 1.90
C PRO A 133 14.98 -9.64 0.62
N LEU A 134 14.03 -8.83 0.15
CA LEU A 134 13.30 -9.14 -1.07
C LEU A 134 14.24 -9.16 -2.26
N ASP A 135 14.03 -10.12 -3.16
CA ASP A 135 14.83 -10.24 -4.38
C ASP A 135 14.06 -9.64 -5.56
N TYR A 136 14.33 -8.38 -5.86
CA TYR A 136 13.47 -7.64 -6.79
C TYR A 136 13.95 -7.65 -8.23
N ASN A 137 13.07 -7.19 -9.12
CA ASN A 137 13.33 -7.16 -10.55
C ASN A 137 13.31 -5.73 -11.09
N MET A 138 14.36 -5.36 -11.81
CA MET A 138 14.33 -4.10 -12.55
C MET A 138 14.31 -4.40 -14.04
N GLY A 139 13.26 -5.07 -14.47
CA GLY A 139 13.09 -5.43 -15.87
C GLY A 139 12.57 -4.25 -16.66
N GLU A 140 12.31 -4.49 -17.93
CA GLU A 140 11.78 -3.47 -18.84
C GLU A 140 12.67 -2.23 -18.85
N LYS A 141 12.07 -1.05 -18.95
CA LYS A 141 12.82 0.18 -19.17
C LYS A 141 13.16 0.91 -17.87
N ASN A 142 13.10 0.19 -16.76
CA ASN A 142 13.46 0.76 -15.46
C ASN A 142 14.96 0.89 -15.28
N LYS A 143 15.40 2.12 -15.00
CA LYS A 143 16.79 2.38 -14.69
C LYS A 143 16.92 2.76 -13.23
N PRO A 144 17.92 2.19 -12.53
CA PRO A 144 18.09 2.43 -11.09
C PRO A 144 18.38 3.88 -10.76
N PHE A 145 17.70 4.39 -9.73
CA PHE A 145 17.91 5.74 -9.26
C PHE A 145 18.36 5.74 -7.81
N LYS A 146 18.72 6.92 -7.30
CA LYS A 146 19.06 7.06 -5.89
C LYS A 146 18.30 8.23 -5.28
N GLN A 147 17.55 7.97 -4.23
CA GLN A 147 16.70 8.98 -3.63
C GLN A 147 17.50 10.10 -2.97
N THR A 148 18.06 10.97 -3.79
CA THR A 148 18.85 12.10 -3.30
C THR A 148 18.00 13.38 -3.28
N SER A 149 16.87 13.33 -3.98
CA SER A 149 16.00 14.50 -4.12
C SER A 149 15.50 15.03 -2.79
N GLY A 150 15.22 14.12 -1.86
CA GLY A 150 14.58 14.48 -0.61
C GLY A 150 13.10 14.70 -0.81
N LYS A 151 12.61 14.37 -2.02
CA LYS A 151 11.22 14.53 -2.36
C LYS A 151 10.48 13.20 -2.37
N VAL A 152 9.16 13.26 -2.26
CA VAL A 152 8.33 12.06 -2.22
C VAL A 152 8.19 11.44 -3.61
N VAL A 153 8.53 10.16 -3.72
CA VAL A 153 8.26 9.39 -4.93
C VAL A 153 7.45 8.16 -4.55
N GLY A 154 6.13 8.25 -4.69
CA GLY A 154 5.25 7.18 -4.26
C GLY A 154 4.53 6.50 -5.40
N ALA A 155 4.04 5.29 -5.15
CA ALA A 155 3.28 4.55 -6.14
C ALA A 155 2.28 3.62 -5.47
N TYR A 156 1.17 3.36 -6.14
CA TYR A 156 0.13 2.48 -5.59
C TYR A 156 0.32 1.05 -6.04
N PHE A 157 0.26 0.12 -5.08
CA PHE A 157 0.26 -1.30 -5.41
C PHE A 157 -1.10 -1.90 -5.08
N VAL A 158 -1.77 -2.43 -6.09
CA VAL A 158 -3.10 -3.00 -5.90
C VAL A 158 -3.04 -4.47 -5.49
N GLU A 159 -3.97 -4.85 -4.61
CA GLU A 159 -4.01 -6.19 -4.04
C GLU A 159 -4.30 -7.27 -5.08
N TRP A 160 -5.20 -6.97 -6.00
CA TRP A 160 -5.65 -7.94 -7.01
C TRP A 160 -4.73 -8.03 -8.21
N GLY A 161 -3.62 -7.31 -8.17
CA GLY A 161 -2.71 -7.25 -9.30
C GLY A 161 -1.89 -8.51 -9.50
N VAL A 162 -2.17 -9.54 -8.70
CA VAL A 162 -1.36 -10.76 -8.74
C VAL A 162 -2.05 -11.94 -9.45
N TYR A 163 -3.19 -11.68 -10.01
CA TYR A 163 -3.93 -12.67 -10.70
C TYR A 163 -3.70 -12.55 -12.17
N PRO A 164 -4.46 -11.79 -12.90
CA PRO A 164 -4.22 -11.84 -14.35
C PRO A 164 -3.21 -10.79 -14.80
N ARG A 165 -2.80 -9.93 -13.88
CA ARG A 165 -1.84 -8.88 -14.20
C ARG A 165 -0.42 -9.39 -14.11
N LYS A 166 -0.22 -10.47 -13.34
CA LYS A 166 1.10 -11.03 -13.10
C LYS A 166 2.02 -9.90 -12.65
N PHE A 167 1.63 -9.24 -11.57
CA PHE A 167 2.49 -8.22 -10.98
C PHE A 167 2.61 -8.42 -9.48
N PRO A 168 3.40 -9.42 -9.07
CA PRO A 168 3.71 -9.64 -7.66
C PRO A 168 4.52 -8.49 -7.07
N VAL A 169 4.71 -8.50 -5.76
CA VAL A 169 5.45 -7.42 -5.11
C VAL A 169 6.92 -7.43 -5.52
N ASP A 170 7.42 -8.59 -5.95
CA ASP A 170 8.83 -8.73 -6.33
C ASP A 170 9.14 -8.07 -7.68
N ARG A 171 8.19 -7.38 -8.23
CA ARG A 171 8.37 -6.79 -9.53
C ARG A 171 8.37 -5.29 -9.40
N VAL A 172 8.15 -4.81 -8.20
CA VAL A 172 8.21 -3.39 -7.92
C VAL A 172 9.67 -2.92 -7.94
N PRO A 173 9.97 -1.93 -8.80
CA PRO A 173 11.29 -1.28 -8.87
C PRO A 173 11.56 -0.46 -7.63
N ILE A 174 11.89 -1.13 -6.54
CA ILE A 174 11.95 -0.49 -5.23
C ILE A 174 13.04 0.56 -4.99
N PRO A 175 14.14 0.56 -5.78
CA PRO A 175 15.06 1.66 -5.48
C PRO A 175 14.60 3.01 -6.02
N ASN A 176 13.46 3.03 -6.69
CA ASN A 176 12.96 4.26 -7.31
C ASN A 176 11.72 4.82 -6.61
N LEU A 177 11.47 4.36 -5.39
CA LEU A 177 10.34 4.86 -4.60
C LEU A 177 10.79 5.27 -3.21
N THR A 178 10.00 6.13 -2.56
CA THR A 178 10.24 6.48 -1.17
C THR A 178 9.06 6.04 -0.32
N HIS A 179 7.87 6.11 -0.91
CA HIS A 179 6.66 5.65 -0.26
C HIS A 179 5.96 4.63 -1.15
N LEU A 180 5.21 3.71 -0.55
CA LEU A 180 4.44 2.74 -1.32
C LEU A 180 3.07 2.52 -0.70
N LEU A 181 2.03 2.76 -1.50
CA LEU A 181 0.66 2.62 -1.04
C LEU A 181 0.07 1.28 -1.44
N TYR A 182 -0.47 0.56 -0.47
CA TYR A 182 -1.07 -0.74 -0.74
C TYR A 182 -2.59 -0.63 -0.80
N GLY A 183 -3.15 -0.81 -1.99
CA GLY A 183 -4.58 -0.73 -2.17
C GLY A 183 -5.23 -2.08 -2.40
N PHE A 184 -6.30 -2.38 -1.66
CA PHE A 184 -6.83 -1.47 -0.65
C PHE A 184 -7.21 -2.21 0.62
N ILE A 185 -7.39 -1.47 1.70
CA ILE A 185 -7.88 -2.04 2.94
C ILE A 185 -9.35 -1.69 3.12
N PRO A 186 -10.23 -2.69 3.11
CA PRO A 186 -11.68 -2.48 3.18
C PRO A 186 -12.16 -2.23 4.61
N ILE A 187 -13.38 -1.75 4.73
CA ILE A 187 -14.02 -1.58 6.02
C ILE A 187 -15.27 -2.47 6.08
N CYS A 188 -15.41 -3.23 7.16
CA CYS A 188 -16.51 -4.19 7.29
C CYS A 188 -17.88 -3.53 7.23
N GLY A 189 -18.85 -4.25 6.68
CA GLY A 189 -20.21 -3.75 6.55
C GLY A 189 -20.96 -4.38 5.39
N GLY A 190 -22.23 -4.68 5.59
CA GLY A 190 -23.02 -5.37 4.59
C GLY A 190 -23.86 -4.46 3.72
N ASP A 191 -25.17 -4.74 3.69
CA ASP A 191 -26.11 -3.96 2.89
C ASP A 191 -26.22 -2.52 3.39
N GLY A 192 -26.10 -1.57 2.48
CA GLY A 192 -26.23 -0.17 2.82
C GLY A 192 -24.91 0.48 3.20
N ILE A 193 -24.05 -0.29 3.85
CA ILE A 193 -22.78 0.25 4.34
C ILE A 193 -21.74 0.21 3.24
N ASN A 194 -21.67 -0.89 2.50
CA ASN A 194 -20.73 -1.00 1.40
C ASN A 194 -21.41 -1.45 0.11
N ASP A 195 -22.43 -0.70 -0.30
CA ASP A 195 -23.19 -1.01 -1.51
C ASP A 195 -22.36 -0.84 -2.78
N SER A 196 -21.32 -0.02 -2.70
CA SER A 196 -20.50 0.29 -3.87
C SER A 196 -19.79 -0.94 -4.42
N LEU A 197 -19.58 -1.94 -3.56
CA LEU A 197 -18.90 -3.16 -3.96
C LEU A 197 -19.77 -4.04 -4.84
N LYS A 198 -21.08 -3.84 -4.77
CA LYS A 198 -22.02 -4.63 -5.56
C LYS A 198 -21.91 -4.32 -7.04
N GLU A 199 -21.29 -3.17 -7.35
CA GLU A 199 -21.05 -2.77 -8.73
C GLU A 199 -20.00 -3.66 -9.37
N ILE A 200 -19.06 -4.13 -8.56
CA ILE A 200 -18.01 -5.03 -9.01
C ILE A 200 -18.35 -6.47 -8.63
N GLU A 201 -18.39 -7.35 -9.63
CA GLU A 201 -18.82 -8.73 -9.43
C GLU A 201 -17.96 -9.47 -8.43
N GLY A 202 -18.60 -10.12 -7.47
CA GLY A 202 -17.91 -10.97 -6.53
C GLY A 202 -17.27 -10.26 -5.36
N SER A 203 -17.09 -8.95 -5.48
CA SER A 203 -16.39 -8.17 -4.47
C SER A 203 -17.15 -8.06 -3.15
N PHE A 204 -18.43 -7.72 -3.23
CA PHE A 204 -19.26 -7.59 -2.04
C PHE A 204 -19.30 -8.90 -1.27
N GLN A 205 -19.55 -9.98 -2.01
CA GLN A 205 -19.61 -11.32 -1.41
C GLN A 205 -18.27 -11.69 -0.80
N ALA A 206 -17.19 -11.17 -1.39
CA ALA A 206 -15.85 -11.44 -0.90
C ALA A 206 -15.59 -10.75 0.43
N LEU A 207 -15.94 -9.48 0.53
CA LEU A 207 -15.77 -8.73 1.76
C LEU A 207 -16.61 -9.33 2.88
N GLN A 208 -17.80 -9.80 2.52
CA GLN A 208 -18.71 -10.37 3.50
C GLN A 208 -18.18 -11.67 4.09
N ARG A 209 -17.48 -12.45 3.28
CA ARG A 209 -16.79 -13.65 3.77
C ARG A 209 -15.70 -13.25 4.76
N SER A 210 -14.89 -12.29 4.35
CA SER A 210 -13.76 -11.83 5.15
C SER A 210 -14.20 -11.15 6.45
N CYS A 211 -15.37 -10.53 6.43
CA CYS A 211 -15.86 -9.80 7.60
C CYS A 211 -16.89 -10.59 8.39
N SER A 212 -17.03 -11.87 8.08
CA SER A 212 -18.00 -12.72 8.76
C SER A 212 -17.59 -12.93 10.21
N GLY A 213 -18.48 -12.59 11.14
CA GLY A 213 -18.21 -12.72 12.55
C GLY A 213 -17.51 -11.50 13.10
N ARG A 214 -17.25 -10.55 12.21
CA ARG A 214 -16.53 -9.33 12.58
C ARG A 214 -17.48 -8.15 12.60
N GLU A 215 -17.38 -7.33 13.64
CA GLU A 215 -18.21 -6.14 13.76
C GLU A 215 -17.98 -5.21 12.59
N ASP A 216 -19.06 -4.60 12.10
CA ASP A 216 -18.97 -3.62 11.03
C ASP A 216 -18.09 -2.46 11.46
N PHE A 217 -17.57 -1.74 10.48
CA PHE A 217 -16.75 -0.56 10.69
C PHE A 217 -15.42 -0.86 11.39
N LYS A 218 -14.95 -2.09 11.26
CA LYS A 218 -13.57 -2.43 11.57
C LYS A 218 -12.84 -2.70 10.27
N VAL A 219 -11.54 -2.41 10.24
CA VAL A 219 -10.74 -2.71 9.06
C VAL A 219 -10.55 -4.21 8.92
N SER A 220 -10.27 -4.66 7.70
CA SER A 220 -10.05 -6.07 7.46
C SER A 220 -9.19 -6.27 6.21
N ILE A 221 -9.31 -7.43 5.59
CA ILE A 221 -8.61 -7.70 4.34
C ILE A 221 -9.60 -8.24 3.32
N HIS A 222 -9.66 -7.57 2.17
CA HIS A 222 -10.60 -7.93 1.13
C HIS A 222 -10.30 -9.32 0.59
N ASP A 223 -9.02 -9.61 0.39
CA ASP A 223 -8.59 -10.88 -0.16
C ASP A 223 -7.46 -11.50 0.67
N PRO A 224 -7.82 -12.38 1.62
CA PRO A 224 -6.86 -13.08 2.48
C PRO A 224 -5.92 -13.98 1.71
N TRP A 225 -6.41 -14.57 0.61
CA TRP A 225 -5.60 -15.46 -0.20
C TRP A 225 -4.42 -14.74 -0.84
N ALA A 226 -4.71 -13.64 -1.52
CA ALA A 226 -3.69 -12.87 -2.21
C ALA A 226 -2.73 -12.21 -1.23
N ALA A 227 -3.27 -11.84 -0.08
CA ALA A 227 -2.50 -11.08 0.90
C ALA A 227 -1.52 -11.92 1.70
N LEU A 228 -1.94 -13.14 2.07
CA LEU A 228 -1.18 -13.92 3.05
C LEU A 228 -1.02 -15.40 2.72
N GLN A 229 -1.73 -15.88 1.72
CA GLN A 229 -1.78 -17.32 1.46
C GLN A 229 -1.24 -17.74 0.11
N LYS A 230 -1.46 -16.91 -0.91
CA LYS A 230 -1.01 -17.25 -2.26
C LYS A 230 0.51 -17.29 -2.35
N PRO A 231 1.07 -18.41 -2.83
CA PRO A 231 2.51 -18.59 -2.97
C PRO A 231 3.14 -17.69 -4.03
N GLN A 232 4.07 -16.84 -3.62
CA GLN A 232 4.82 -16.02 -4.54
C GLN A 232 6.31 -16.34 -4.43
N LYS A 233 7.14 -15.62 -5.17
CA LYS A 233 8.57 -15.88 -5.19
C LYS A 233 9.22 -15.70 -3.82
N GLY A 234 9.88 -16.74 -3.34
CA GLY A 234 10.58 -16.70 -2.07
C GLY A 234 9.74 -17.23 -0.93
N LEU A 235 8.43 -17.29 -1.14
CA LEU A 235 7.51 -17.74 -0.12
C LEU A 235 6.61 -18.86 -0.67
N SER A 236 7.22 -20.00 -0.93
CA SER A 236 6.52 -21.12 -1.56
C SER A 236 6.31 -22.27 -0.58
N SER A 237 7.07 -22.28 0.51
CA SER A 237 7.03 -23.35 1.50
C SER A 237 5.63 -23.65 2.03
N TRP A 238 5.44 -24.85 2.55
CA TRP A 238 4.17 -25.25 3.14
C TRP A 238 4.04 -24.63 4.53
N ASN A 239 5.19 -24.37 5.15
CA ASN A 239 5.25 -23.84 6.50
C ASN A 239 5.77 -22.40 6.56
N GLU A 240 5.33 -21.57 5.63
CA GLU A 240 5.58 -20.13 5.71
C GLU A 240 4.40 -19.47 6.39
N PRO A 241 4.63 -18.90 7.58
CA PRO A 241 3.57 -18.26 8.37
C PRO A 241 2.91 -17.14 7.59
N TYR A 242 3.72 -16.33 6.93
CA TYR A 242 3.22 -15.22 6.16
C TYR A 242 3.62 -15.34 4.69
N LYS A 243 2.64 -15.26 3.81
CA LYS A 243 2.89 -15.33 2.38
C LYS A 243 2.16 -14.22 1.65
N GLY A 244 1.86 -14.44 0.37
CA GLY A 244 1.13 -13.48 -0.43
C GLY A 244 1.82 -12.14 -0.51
N ASN A 245 1.02 -11.08 -0.64
CA ASN A 245 1.56 -9.74 -0.77
C ASN A 245 2.15 -9.21 0.53
N PHE A 246 1.52 -9.53 1.65
CA PHE A 246 2.02 -9.11 2.94
C PHE A 246 3.37 -9.77 3.21
N GLY A 247 3.49 -11.03 2.83
CA GLY A 247 4.72 -11.77 2.99
C GLY A 247 5.88 -11.11 2.26
N GLN A 248 5.65 -10.71 1.02
CA GLN A 248 6.69 -10.06 0.23
C GLN A 248 6.92 -8.63 0.68
N LEU A 249 5.90 -8.00 1.25
CA LEU A 249 6.05 -6.65 1.78
C LEU A 249 6.93 -6.67 3.02
N MET A 250 6.89 -7.78 3.75
CA MET A 250 7.79 -7.97 4.88
C MET A 250 9.23 -8.07 4.40
N MET A 251 9.41 -8.77 3.28
CA MET A 251 10.73 -8.96 2.71
C MET A 251 11.29 -7.67 2.15
N LEU A 252 10.40 -6.68 2.00
CA LEU A 252 10.77 -5.41 1.40
C LEU A 252 11.35 -4.45 2.43
N LYS A 253 10.77 -4.43 3.62
CA LYS A 253 11.29 -3.59 4.71
C LYS A 253 12.69 -4.05 5.10
N GLN A 254 13.04 -5.27 4.74
CA GLN A 254 14.36 -5.80 4.98
C GLN A 254 15.31 -5.54 3.83
N ALA A 255 14.79 -5.13 2.68
CA ALA A 255 15.61 -4.69 1.55
C ALA A 255 15.87 -3.19 1.60
N LYS A 256 14.80 -2.42 1.70
CA LYS A 256 14.88 -0.98 1.86
C LYS A 256 14.09 -0.54 3.08
N PRO A 257 14.72 -0.56 4.26
CA PRO A 257 14.05 -0.22 5.53
C PRO A 257 13.44 1.18 5.51
N ASP A 258 14.03 2.08 4.75
CA ASP A 258 13.59 3.48 4.73
C ASP A 258 12.48 3.72 3.71
N LEU A 259 12.03 2.66 3.05
CA LEU A 259 10.91 2.76 2.14
C LEU A 259 9.60 2.66 2.90
N LYS A 260 8.86 3.75 2.95
CA LYS A 260 7.61 3.79 3.71
C LYS A 260 6.53 2.97 3.04
N ILE A 261 5.97 2.00 3.76
CA ILE A 261 4.88 1.19 3.24
C ILE A 261 3.59 1.49 3.97
N LEU A 262 2.63 2.07 3.27
CA LEU A 262 1.37 2.50 3.88
C LEU A 262 0.18 1.69 3.38
N PRO A 263 -0.74 1.36 4.28
CA PRO A 263 -2.00 0.70 3.93
C PRO A 263 -3.07 1.71 3.53
N SER A 264 -3.68 1.51 2.37
CA SER A 264 -4.68 2.44 1.88
C SER A 264 -6.09 1.94 2.21
N ILE A 265 -6.80 2.69 3.03
CA ILE A 265 -8.16 2.32 3.39
C ILE A 265 -9.17 3.07 2.56
N GLY A 266 -10.00 2.33 1.84
CA GLY A 266 -11.01 2.93 0.99
C GLY A 266 -10.71 2.80 -0.48
N GLY A 267 -10.63 3.92 -1.17
CA GLY A 267 -10.54 3.92 -2.61
C GLY A 267 -11.92 4.20 -3.17
N TRP A 268 -12.09 4.07 -4.48
CA TRP A 268 -13.34 4.42 -5.12
C TRP A 268 -14.50 3.55 -4.65
N THR A 269 -14.33 2.23 -4.75
CA THR A 269 -15.43 1.30 -4.49
C THR A 269 -15.54 0.86 -3.03
N LEU A 270 -14.69 1.42 -2.17
CA LEU A 270 -14.62 0.97 -0.78
C LEU A 270 -14.77 2.09 0.25
N ALA A 271 -15.08 3.30 -0.21
CA ALA A 271 -15.08 4.45 0.68
C ALA A 271 -16.42 4.70 1.35
N ASP A 272 -17.42 3.90 0.98
CA ASP A 272 -18.79 4.08 1.49
C ASP A 272 -18.95 4.15 3.02
N PRO A 273 -18.26 3.28 3.78
CA PRO A 273 -18.46 3.33 5.24
C PRO A 273 -18.01 4.62 5.92
N PHE A 274 -17.15 5.40 5.27
CA PHE A 274 -16.65 6.65 5.85
C PHE A 274 -17.75 7.65 6.17
N PHE A 275 -18.84 7.59 5.42
CA PHE A 275 -19.92 8.56 5.55
C PHE A 275 -20.74 8.34 6.80
N PHE A 276 -20.45 7.26 7.52
CA PHE A 276 -21.16 6.93 8.75
C PHE A 276 -20.37 7.34 9.98
N PHE A 277 -19.26 8.03 9.77
CA PHE A 277 -18.37 8.40 10.87
C PHE A 277 -18.80 9.67 11.59
N THR A 278 -19.94 10.22 11.17
CA THR A 278 -20.58 11.27 11.96
C THR A 278 -20.90 10.72 13.35
N ASP A 279 -21.05 9.39 13.40
CA ASP A 279 -21.29 8.64 14.62
C ASP A 279 -19.98 8.47 15.41
N GLU A 280 -19.94 9.06 16.61
CA GLU A 280 -18.78 8.98 17.48
C GLU A 280 -18.39 7.51 17.74
N THR A 281 -19.41 6.67 17.92
CA THR A 281 -19.23 5.27 18.29
C THR A 281 -18.48 4.48 17.23
N LYS A 282 -18.84 4.71 15.97
CA LYS A 282 -18.26 3.96 14.86
C LYS A 282 -16.86 4.44 14.53
N ARG A 283 -16.66 5.75 14.60
CA ARG A 283 -15.36 6.32 14.27
C ARG A 283 -14.30 5.91 15.29
N ARG A 284 -14.72 5.71 16.53
CA ARG A 284 -13.78 5.25 17.56
C ARG A 284 -13.46 3.77 17.39
N ARG A 285 -14.45 2.99 16.95
CA ARG A 285 -14.25 1.57 16.70
C ARG A 285 -13.32 1.36 15.51
N PHE A 286 -13.49 2.21 14.50
CA PHE A 286 -12.64 2.19 13.33
C PHE A 286 -11.18 2.43 13.69
N VAL A 287 -10.93 3.57 14.33
CA VAL A 287 -9.58 3.96 14.72
C VAL A 287 -8.93 2.91 15.62
N ALA A 288 -9.75 2.28 16.46
CA ALA A 288 -9.27 1.21 17.33
C ALA A 288 -8.77 0.03 16.52
N SER A 289 -9.60 -0.46 15.61
CA SER A 289 -9.25 -1.60 14.77
C SER A 289 -8.04 -1.30 13.91
N VAL A 290 -7.87 -0.03 13.54
CA VAL A 290 -6.69 0.39 12.80
C VAL A 290 -5.44 0.25 13.66
N LYS A 291 -5.55 0.61 14.93
CA LYS A 291 -4.42 0.51 15.85
C LYS A 291 -3.94 -0.93 15.99
N ASP A 292 -4.88 -1.85 16.13
CA ASP A 292 -4.59 -3.28 16.25
C ASP A 292 -4.05 -3.76 14.90
N PHE A 293 -4.65 -3.26 13.83
CA PHE A 293 -4.24 -3.63 12.48
C PHE A 293 -2.75 -3.36 12.28
N LEU A 294 -2.28 -2.23 12.78
CA LEU A 294 -0.87 -1.86 12.66
C LEU A 294 0.02 -2.72 13.54
N GLN A 295 -0.45 -3.06 14.74
CA GLN A 295 0.30 -3.94 15.62
C GLN A 295 0.32 -5.34 15.05
N THR A 296 -0.76 -5.72 14.38
CA THR A 296 -0.88 -7.04 13.77
C THR A 296 0.05 -7.16 12.56
N TRP A 297 0.21 -6.05 11.84
CA TRP A 297 1.05 -6.02 10.65
C TRP A 297 2.09 -4.93 10.79
N LYS A 298 3.27 -5.30 11.24
CA LYS A 298 4.28 -4.34 11.67
C LYS A 298 5.07 -3.73 10.52
N PHE A 299 5.00 -4.33 9.34
CA PHE A 299 5.76 -3.82 8.20
C PHE A 299 5.19 -2.51 7.67
N PHE A 300 3.97 -2.18 8.10
CA PHE A 300 3.35 -0.91 7.75
C PHE A 300 3.97 0.23 8.55
N ASP A 301 3.92 1.44 7.99
CA ASP A 301 4.55 2.59 8.62
C ASP A 301 3.56 3.74 8.85
N GLY A 302 2.29 3.40 9.07
CA GLY A 302 1.28 4.40 9.31
C GLY A 302 -0.04 4.08 8.64
N VAL A 303 -0.80 5.13 8.32
CA VAL A 303 -2.12 4.96 7.72
C VAL A 303 -2.31 5.88 6.52
N ASP A 304 -3.00 5.38 5.50
CA ASP A 304 -3.41 6.21 4.37
C ASP A 304 -4.93 6.15 4.24
N ILE A 305 -5.56 7.32 4.16
CA ILE A 305 -7.00 7.38 4.06
C ILE A 305 -7.45 7.92 2.70
N ASP A 306 -8.15 7.07 1.95
CA ASP A 306 -8.64 7.47 0.63
C ASP A 306 -10.15 7.60 0.63
N TRP A 307 -10.65 8.50 1.46
CA TRP A 307 -12.06 8.83 1.48
C TRP A 307 -12.42 9.55 0.18
N GLU A 308 -13.28 8.93 -0.62
CA GLU A 308 -13.67 9.48 -1.91
C GLU A 308 -15.18 9.54 -2.06
N PHE A 309 -15.80 10.69 -1.78
CA PHE A 309 -15.12 11.88 -1.27
C PHE A 309 -15.95 12.45 -0.13
N PRO A 310 -15.30 13.22 0.77
CA PRO A 310 -16.06 13.96 1.78
C PRO A 310 -17.05 14.95 1.15
N GLY A 311 -18.33 14.79 1.44
CA GLY A 311 -19.34 15.66 0.88
C GLY A 311 -20.20 14.95 -0.14
N GLY A 312 -19.61 14.00 -0.85
CA GLY A 312 -20.32 13.23 -1.85
C GLY A 312 -19.59 13.18 -3.18
N LYS A 313 -20.34 12.97 -4.25
CA LYS A 313 -19.82 12.91 -5.61
C LYS A 313 -18.83 11.76 -5.80
N GLY A 314 -19.03 10.70 -5.04
CA GLY A 314 -18.18 9.52 -5.16
C GLY A 314 -18.90 8.43 -5.93
N ALA A 315 -18.68 7.18 -5.54
CA ALA A 315 -19.34 6.06 -6.20
C ALA A 315 -20.82 6.00 -5.86
N ASN A 316 -21.14 6.13 -4.59
CA ASN A 316 -22.52 6.09 -4.13
C ASN A 316 -23.20 7.45 -4.29
N PRO A 317 -24.24 7.52 -5.12
CA PRO A 317 -24.97 8.76 -5.39
C PRO A 317 -25.90 9.14 -4.23
N ASN A 318 -26.13 8.21 -3.31
CA ASN A 318 -27.03 8.43 -2.19
C ASN A 318 -26.31 8.77 -0.90
N LEU A 319 -25.01 9.03 -0.97
CA LEU A 319 -24.22 9.36 0.20
C LEU A 319 -23.48 10.69 0.04
N GLY A 320 -23.39 11.45 1.12
CA GLY A 320 -22.74 12.74 1.10
C GLY A 320 -23.45 13.77 1.96
N SER A 321 -22.67 14.66 2.57
CA SER A 321 -23.20 15.69 3.45
C SER A 321 -22.18 16.82 3.66
N PRO A 322 -22.66 18.06 3.82
CA PRO A 322 -21.74 19.18 4.04
C PRO A 322 -20.95 19.02 5.34
N LYS A 323 -21.50 18.24 6.25
CA LYS A 323 -20.90 18.01 7.56
C LYS A 323 -19.71 17.06 7.46
N ASP A 324 -19.59 16.39 6.32
CA ASP A 324 -18.51 15.43 6.08
C ASP A 324 -17.13 16.05 6.21
N GLY A 325 -17.02 17.33 5.87
CA GLY A 325 -15.76 18.04 5.96
C GLY A 325 -15.25 18.17 7.39
N GLU A 326 -16.15 18.16 8.36
CA GLU A 326 -15.79 18.30 9.77
C GLU A 326 -15.37 16.95 10.35
N ILE A 327 -16.02 15.89 9.90
CA ILE A 327 -15.72 14.55 10.36
C ILE A 327 -14.40 14.06 9.76
N TYR A 328 -14.02 14.65 8.63
CA TYR A 328 -12.74 14.38 8.02
C TYR A 328 -11.62 14.92 8.91
N VAL A 329 -11.86 16.06 9.55
CA VAL A 329 -10.85 16.71 10.39
C VAL A 329 -10.78 16.08 11.79
N LEU A 330 -11.88 15.47 12.22
CA LEU A 330 -11.93 14.72 13.47
C LEU A 330 -11.35 13.32 13.30
N LEU A 331 -11.47 12.76 12.10
CA LEU A 331 -10.93 11.42 11.85
C LEU A 331 -9.40 11.45 11.89
N MET A 332 -8.81 12.49 11.33
CA MET A 332 -7.35 12.62 11.28
C MET A 332 -6.76 13.05 12.62
N LYS A 333 -7.51 13.82 13.38
CA LYS A 333 -7.09 14.23 14.71
C LYS A 333 -7.00 13.02 15.64
N GLU A 334 -7.97 12.12 15.55
CA GLU A 334 -7.96 10.89 16.37
C GLU A 334 -7.01 9.83 15.81
N LEU A 335 -6.86 9.76 14.50
CA LEU A 335 -5.90 8.83 13.89
C LEU A 335 -4.48 9.22 14.28
N ARG A 336 -4.20 10.52 14.30
CA ARG A 336 -2.89 11.04 14.70
C ARG A 336 -2.60 10.71 16.16
N GLU A 337 -3.58 10.95 17.02
CA GLU A 337 -3.48 10.62 18.44
C GLU A 337 -3.26 9.13 18.63
N MET A 338 -3.94 8.33 17.83
CA MET A 338 -3.81 6.88 17.89
C MET A 338 -2.38 6.48 17.55
N LEU A 339 -1.82 7.14 16.55
CA LEU A 339 -0.45 6.85 16.12
C LEU A 339 0.57 7.40 17.11
N ASN A 340 0.22 8.51 17.76
CA ASN A 340 1.07 9.10 18.78
C ASN A 340 1.28 8.16 19.96
N GLU A 341 0.19 7.58 20.44
CA GLU A 341 0.24 6.67 21.57
C GLU A 341 0.65 5.27 21.14
N LEU A 342 0.95 5.12 19.85
CA LEU A 342 1.48 3.88 19.32
C LEU A 342 3.00 3.98 19.24
N SER A 343 3.47 5.15 18.81
CA SER A 343 4.88 5.52 18.86
C SER A 343 5.42 5.40 20.28
N ALA A 344 4.60 5.79 21.24
CA ALA A 344 4.92 5.61 22.65
C ALA A 344 5.31 4.18 22.96
N GLU A 345 4.44 3.25 22.55
CA GLU A 345 4.64 1.82 22.81
C GLU A 345 5.65 1.17 21.87
N THR A 346 5.49 1.39 20.57
CA THR A 346 6.39 0.78 19.60
C THR A 346 7.76 1.42 19.68
N GLY A 347 7.81 2.73 19.79
CA GLY A 347 9.08 3.44 19.71
C GLY A 347 9.41 3.78 18.27
N ARG A 348 8.37 3.85 17.44
CA ARG A 348 8.52 4.04 16.01
C ARG A 348 7.77 5.28 15.52
N LYS A 349 8.06 5.69 14.29
CA LYS A 349 7.37 6.82 13.69
C LYS A 349 6.37 6.33 12.65
N TYR A 350 5.20 6.95 12.62
CA TYR A 350 4.16 6.56 11.67
C TYR A 350 3.70 7.77 10.87
N GLU A 351 3.58 7.59 9.56
CA GLU A 351 3.08 8.64 8.68
C GLU A 351 1.56 8.53 8.52
N LEU A 352 0.89 9.69 8.55
CA LEU A 352 -0.54 9.74 8.28
C LEU A 352 -0.77 10.55 7.01
N THR A 353 -1.30 9.89 5.98
CA THR A 353 -1.46 10.53 4.68
C THR A 353 -2.89 10.39 4.18
N SER A 354 -3.15 10.91 2.98
CA SER A 354 -4.47 10.82 2.38
C SER A 354 -4.46 11.16 0.89
N ALA A 355 -5.31 10.47 0.13
CA ALA A 355 -5.48 10.77 -1.27
C ALA A 355 -6.79 11.54 -1.49
N ILE A 356 -6.67 12.83 -1.82
CA ILE A 356 -7.83 13.68 -1.98
C ILE A 356 -8.04 14.11 -3.42
N SER A 357 -9.25 14.58 -3.72
CA SER A 357 -9.60 15.02 -5.06
C SER A 357 -8.92 16.32 -5.45
N ALA A 358 -8.69 16.49 -6.75
CA ALA A 358 -8.10 17.71 -7.28
C ALA A 358 -9.18 18.65 -7.80
N GLY A 359 -10.44 18.26 -7.57
CA GLY A 359 -11.57 19.07 -7.98
C GLY A 359 -11.91 20.09 -6.92
N TRP A 360 -11.96 21.36 -7.32
CA TRP A 360 -12.21 22.45 -6.39
C TRP A 360 -13.54 22.33 -5.66
N ASP A 361 -14.49 21.63 -6.27
CA ASP A 361 -15.81 21.45 -5.67
C ASP A 361 -15.79 20.44 -4.53
N LYS A 362 -14.73 19.64 -4.48
CA LYS A 362 -14.57 18.66 -3.41
C LYS A 362 -13.55 19.14 -2.40
N ILE A 363 -12.62 19.96 -2.86
CA ILE A 363 -11.62 20.56 -1.99
C ILE A 363 -12.30 21.48 -0.97
N GLN A 364 -13.31 22.20 -1.46
CA GLN A 364 -14.11 23.11 -0.65
C GLN A 364 -14.62 22.51 0.65
N VAL A 365 -15.15 21.30 0.55
CA VAL A 365 -15.86 20.66 1.65
C VAL A 365 -15.02 20.54 2.92
N VAL A 366 -13.72 20.32 2.73
CA VAL A 366 -12.84 20.12 3.87
C VAL A 366 -11.85 21.26 4.07
N ASP A 367 -11.67 21.66 5.32
CA ASP A 367 -10.64 22.62 5.68
C ASP A 367 -9.33 21.89 5.84
N TYR A 368 -8.56 21.79 4.76
CA TYR A 368 -7.30 21.06 4.79
C TYR A 368 -6.22 21.85 5.52
N SER A 369 -6.45 23.15 5.70
CA SER A 369 -5.53 23.97 6.48
C SER A 369 -5.61 23.58 7.95
N ALA A 370 -6.72 22.96 8.33
CA ALA A 370 -6.94 22.51 9.70
C ALA A 370 -6.54 21.04 9.86
N ALA A 371 -6.74 20.27 8.80
CA ALA A 371 -6.41 18.85 8.81
C ALA A 371 -4.90 18.63 8.72
N GLN A 372 -4.21 19.53 8.02
CA GLN A 372 -2.78 19.36 7.76
C GLN A 372 -1.93 19.32 9.01
N LYS A 373 -2.48 19.81 10.13
CA LYS A 373 -1.77 19.80 11.40
C LYS A 373 -1.41 18.38 11.83
N TYR A 374 -2.26 17.42 11.46
CA TYR A 374 -2.11 16.04 11.89
C TYR A 374 -1.52 15.14 10.81
N MET A 375 -1.40 15.67 9.60
CA MET A 375 -0.99 14.87 8.45
C MET A 375 0.42 15.22 7.99
N ASP A 376 0.96 14.43 7.08
CA ASP A 376 2.35 14.57 6.67
C ASP A 376 2.46 14.87 5.17
N HIS A 377 1.51 14.27 4.46
CA HIS A 377 1.53 13.99 3.01
C HIS A 377 0.12 14.11 2.45
N ILE A 378 -0.07 14.89 1.40
CA ILE A 378 -1.41 14.97 0.81
C ILE A 378 -1.32 14.51 -0.62
N PHE A 379 -1.83 13.33 -0.89
CA PHE A 379 -1.74 12.77 -2.24
C PHE A 379 -2.83 13.37 -3.12
N PHE A 380 -2.45 14.43 -3.80
CA PHE A 380 -3.33 15.20 -4.66
C PHE A 380 -3.67 14.44 -5.93
N MET A 381 -4.84 13.82 -5.96
CA MET A 381 -5.26 13.03 -7.11
C MET A 381 -5.55 13.89 -8.33
N SER A 382 -4.51 14.49 -8.89
CA SER A 382 -4.64 15.31 -10.08
C SER A 382 -4.66 14.44 -11.33
N TYR A 383 -5.58 13.48 -11.36
CA TYR A 383 -5.88 12.69 -12.55
C TYR A 383 -7.36 12.35 -12.55
N ASP A 384 -7.82 11.65 -13.58
CA ASP A 384 -9.23 11.35 -13.76
C ASP A 384 -10.08 12.61 -13.89
N PHE A 385 -9.55 13.64 -14.54
CA PHE A 385 -10.32 14.85 -14.78
C PHE A 385 -11.36 14.66 -15.88
N LYS A 386 -10.98 13.94 -16.92
CA LYS A 386 -11.88 13.63 -18.03
C LYS A 386 -11.83 12.13 -18.33
N GLY A 387 -12.97 11.55 -18.67
CA GLY A 387 -13.04 10.12 -18.90
C GLY A 387 -14.19 9.66 -19.77
N ALA A 388 -14.28 8.35 -19.96
CA ALA A 388 -15.27 7.76 -20.84
C ALA A 388 -16.68 7.77 -20.24
N TRP A 389 -16.81 8.33 -19.04
CA TRP A 389 -18.11 8.43 -18.40
C TRP A 389 -18.95 9.55 -19.01
N SER A 390 -18.42 10.17 -20.07
CA SER A 390 -19.14 11.18 -20.83
C SER A 390 -18.77 11.10 -22.29
N ASN A 391 -19.77 11.21 -23.18
CA ASN A 391 -19.57 11.10 -24.61
C ASN A 391 -19.21 12.44 -25.25
N ASP A 392 -19.67 13.54 -24.67
CA ASP A 392 -19.48 14.86 -25.27
C ASP A 392 -18.59 15.83 -24.49
N THR A 393 -18.27 15.51 -23.24
CA THR A 393 -17.29 16.30 -22.50
C THR A 393 -15.94 15.59 -22.58
N LEU A 394 -15.23 15.82 -23.69
CA LEU A 394 -13.89 15.30 -23.85
C LEU A 394 -12.89 16.34 -23.35
N GLY A 395 -11.70 15.90 -22.95
CA GLY A 395 -10.67 16.82 -22.48
C GLY A 395 -9.43 16.12 -21.97
N HIS A 396 -8.65 16.84 -21.18
CA HIS A 396 -7.41 16.31 -20.64
C HIS A 396 -7.64 15.73 -19.25
N GLN A 397 -7.18 14.49 -19.05
CA GLN A 397 -7.42 13.74 -17.81
C GLN A 397 -6.51 14.18 -16.67
N ALA A 398 -5.25 14.50 -16.98
CA ALA A 398 -4.31 14.85 -15.91
C ALA A 398 -3.35 15.95 -16.32
N SER A 399 -3.80 16.89 -17.15
CA SER A 399 -2.95 17.96 -17.64
C SER A 399 -2.51 18.87 -16.51
N LEU A 400 -1.42 19.60 -16.74
CA LEU A 400 -0.91 20.53 -15.76
C LEU A 400 -1.74 21.80 -15.75
N TYR A 401 -1.82 22.47 -16.90
CA TYR A 401 -2.63 23.67 -17.05
C TYR A 401 -3.85 23.41 -17.94
N ALA A 402 -4.60 24.46 -18.22
CA ALA A 402 -5.77 24.35 -19.08
C ALA A 402 -5.36 24.40 -20.54
N PRO A 403 -6.08 23.67 -21.41
CA PRO A 403 -5.80 23.66 -22.85
C PRO A 403 -6.11 24.99 -23.50
N ASP A 404 -5.58 25.20 -24.71
CA ASP A 404 -5.69 26.48 -25.40
C ASP A 404 -7.14 26.82 -25.76
N TRP A 405 -7.90 25.82 -26.19
CA TRP A 405 -9.29 25.99 -26.60
C TRP A 405 -10.24 26.10 -25.41
N ASN A 406 -9.73 25.86 -24.21
CA ASN A 406 -10.56 25.90 -23.01
C ASN A 406 -9.80 26.50 -21.82
N GLU A 407 -9.60 27.81 -21.86
CA GLU A 407 -8.73 28.50 -20.91
C GLU A 407 -9.29 28.54 -19.49
N LYS A 408 -10.61 28.45 -19.38
CA LYS A 408 -11.26 28.53 -18.08
C LYS A 408 -11.61 27.15 -17.53
N GLU A 409 -10.85 26.14 -17.94
CA GLU A 409 -10.95 24.82 -17.33
C GLU A 409 -10.39 24.91 -15.91
N THR A 410 -11.13 24.38 -14.94
CA THR A 410 -10.74 24.45 -13.54
C THR A 410 -10.35 23.08 -12.98
N TYR A 411 -10.57 22.04 -13.76
CA TYR A 411 -10.12 20.71 -13.39
C TYR A 411 -8.77 20.43 -14.02
N THR A 412 -7.76 21.20 -13.61
CA THR A 412 -6.38 20.96 -14.02
C THR A 412 -5.51 20.80 -12.78
N THR A 413 -4.33 20.21 -12.94
CA THR A 413 -3.41 20.03 -11.83
C THR A 413 -3.09 21.38 -11.19
N ASP A 414 -2.77 22.35 -12.02
CA ASP A 414 -2.37 23.67 -11.54
C ASP A 414 -3.46 24.38 -10.75
N PHE A 415 -4.66 24.45 -11.29
CA PHE A 415 -5.75 25.15 -10.64
C PHE A 415 -6.05 24.57 -9.26
N GLY A 416 -6.12 23.23 -9.20
CA GLY A 416 -6.44 22.55 -7.96
C GLY A 416 -5.42 22.83 -6.87
N VAL A 417 -4.14 22.76 -7.24
CA VAL A 417 -3.05 23.05 -6.31
C VAL A 417 -3.17 24.45 -5.72
N GLN A 418 -3.35 25.44 -6.59
CA GLN A 418 -3.52 26.82 -6.15
C GLN A 418 -4.76 26.97 -5.28
N PHE A 419 -5.82 26.27 -5.64
CA PHE A 419 -7.08 26.32 -4.90
C PHE A 419 -6.89 25.73 -3.50
N LEU A 420 -6.07 24.69 -3.42
CA LEU A 420 -5.77 24.05 -2.15
C LEU A 420 -4.82 24.92 -1.34
N LEU A 421 -3.84 25.50 -2.01
CA LEU A 421 -2.91 26.43 -1.38
C LEU A 421 -3.65 27.65 -0.84
N ALA A 422 -4.72 28.03 -1.53
CA ALA A 422 -5.52 29.18 -1.14
C ALA A 422 -6.16 28.98 0.22
N GLN A 423 -6.46 27.73 0.55
CA GLN A 423 -7.03 27.41 1.85
C GLN A 423 -6.07 27.76 2.98
N GLY A 424 -4.78 27.64 2.70
CA GLY A 424 -3.77 27.91 3.70
C GLY A 424 -2.87 26.71 3.92
N VAL A 425 -2.97 25.74 3.02
CA VAL A 425 -2.15 24.52 3.09
C VAL A 425 -0.70 24.84 2.73
N SER A 426 0.23 24.34 3.54
CA SER A 426 1.64 24.55 3.26
C SER A 426 2.12 23.60 2.17
N PRO A 427 2.81 24.13 1.16
CA PRO A 427 3.17 23.43 -0.08
C PRO A 427 4.02 22.17 0.10
N LYS A 428 4.77 22.05 1.20
CA LYS A 428 5.65 20.90 1.40
C LYS A 428 4.87 19.59 1.57
N LYS A 429 3.57 19.69 1.83
CA LYS A 429 2.74 18.53 2.11
C LYS A 429 1.97 18.02 0.90
N ILE A 430 2.02 18.77 -0.20
CA ILE A 430 1.26 18.41 -1.40
C ILE A 430 2.07 17.55 -2.35
N VAL A 431 1.55 16.35 -2.64
CA VAL A 431 2.19 15.43 -3.56
C VAL A 431 1.34 15.22 -4.82
N VAL A 432 1.77 15.85 -5.91
CA VAL A 432 1.04 15.84 -7.17
C VAL A 432 0.93 14.44 -7.77
N GLY A 433 -0.22 14.12 -8.35
CA GLY A 433 -0.47 12.80 -8.91
C GLY A 433 -0.11 12.65 -10.38
N VAL A 434 0.36 11.47 -10.75
CA VAL A 434 0.71 11.16 -12.14
C VAL A 434 -0.06 9.93 -12.61
N ALA A 435 -0.57 9.98 -13.84
CA ALA A 435 -1.33 8.88 -14.41
C ALA A 435 -0.42 7.92 -15.18
N MET A 436 -0.37 6.67 -14.73
CA MET A 436 0.39 5.65 -15.44
C MET A 436 -0.51 4.85 -16.36
N TYR A 437 -1.71 5.39 -16.61
CA TYR A 437 -2.70 4.74 -17.44
C TYR A 437 -3.35 5.73 -18.38
N GLY A 438 -4.29 5.26 -19.18
CA GLY A 438 -4.96 6.11 -20.14
C GLY A 438 -6.47 6.01 -20.11
N ARG A 439 -7.13 7.15 -20.19
CA ARG A 439 -8.58 7.19 -20.33
C ARG A 439 -8.94 7.60 -21.74
N GLY A 440 -9.86 6.87 -22.37
CA GLY A 440 -10.12 7.08 -23.77
C GLY A 440 -11.55 6.90 -24.26
N TRP A 441 -11.77 7.30 -25.51
CA TRP A 441 -13.07 7.21 -26.15
C TRP A 441 -12.95 6.55 -27.52
N THR A 442 -14.08 6.19 -28.12
CA THR A 442 -14.10 5.66 -29.46
C THR A 442 -15.19 6.35 -30.30
N GLY A 443 -15.01 6.35 -31.62
CA GLY A 443 -15.95 6.99 -32.50
C GLY A 443 -16.07 8.49 -32.32
N VAL A 444 -14.93 9.15 -32.11
CA VAL A 444 -14.93 10.61 -31.98
C VAL A 444 -15.22 11.26 -33.33
N HIS A 445 -16.23 12.14 -33.35
CA HIS A 445 -16.70 12.71 -34.60
C HIS A 445 -17.17 14.14 -34.45
N GLY A 446 -17.23 14.86 -35.57
CA GLY A 446 -17.73 16.22 -35.58
C GLY A 446 -16.79 17.21 -34.92
N TYR A 447 -15.52 16.86 -34.83
CA TYR A 447 -14.54 17.78 -34.28
C TYR A 447 -14.04 18.74 -35.35
N LYS A 448 -13.39 19.81 -34.91
CA LYS A 448 -12.98 20.90 -35.78
C LYS A 448 -11.48 21.15 -35.65
N ASP A 449 -10.87 21.69 -36.71
CA ASP A 449 -9.47 22.11 -36.69
C ASP A 449 -8.51 20.98 -36.30
N ASN A 450 -8.86 19.76 -36.68
CA ASN A 450 -8.11 18.57 -36.30
C ASN A 450 -7.89 18.49 -34.79
N ASN A 451 -8.89 18.96 -34.05
CA ASN A 451 -8.86 18.93 -32.60
C ASN A 451 -9.98 18.04 -32.08
N PRO A 452 -9.67 16.75 -31.87
CA PRO A 452 -10.65 15.71 -31.52
C PRO A 452 -11.44 16.00 -30.25
N PHE A 453 -10.93 16.87 -29.40
CA PHE A 453 -11.55 17.14 -28.11
C PHE A 453 -12.82 17.97 -28.24
N THR A 454 -13.03 18.58 -29.40
CA THR A 454 -14.24 19.35 -29.64
C THR A 454 -15.35 18.44 -30.16
N GLY A 455 -14.97 17.21 -30.52
CA GLY A 455 -15.92 16.24 -31.04
C GLY A 455 -16.63 15.47 -29.94
N ASN A 456 -17.48 14.53 -30.34
CA ASN A 456 -18.17 13.67 -29.39
C ASN A 456 -17.88 12.22 -29.70
N ALA A 457 -18.02 11.36 -28.70
CA ALA A 457 -17.72 9.94 -28.87
C ALA A 457 -18.95 9.07 -28.75
N THR A 458 -18.89 7.87 -29.32
CA THR A 458 -20.02 6.96 -29.30
C THR A 458 -19.85 5.88 -28.23
N GLY A 459 -18.76 5.97 -27.48
CA GLY A 459 -18.49 5.01 -26.42
C GLY A 459 -17.07 5.10 -25.89
N PRO A 460 -16.68 4.13 -25.04
CA PRO A 460 -15.32 4.05 -24.52
C PRO A 460 -14.39 3.30 -25.45
N VAL A 461 -13.10 3.65 -25.43
CA VAL A 461 -12.10 2.98 -26.24
C VAL A 461 -11.91 1.55 -25.71
N LYS A 462 -11.38 0.67 -26.54
CA LYS A 462 -11.10 -0.70 -26.11
C LYS A 462 -10.07 -0.69 -24.98
N GLY A 463 -10.41 -1.33 -23.86
CA GLY A 463 -9.58 -1.25 -22.69
C GLY A 463 -8.71 -2.46 -22.43
N THR A 464 -7.64 -2.24 -21.67
CA THR A 464 -6.73 -3.30 -21.28
C THR A 464 -7.44 -4.35 -20.42
N TRP A 465 -8.06 -3.90 -19.33
CA TRP A 465 -8.79 -4.79 -18.45
C TRP A 465 -10.28 -4.45 -18.50
N GLN A 466 -10.62 -3.27 -17.99
CA GLN A 466 -11.95 -2.72 -18.20
C GLN A 466 -11.87 -1.71 -19.34
N ASP A 467 -12.90 -1.64 -20.16
CA ASP A 467 -12.88 -0.73 -21.30
C ASP A 467 -13.00 0.71 -20.84
N GLY A 468 -12.31 1.60 -21.55
CA GLY A 468 -12.29 3.00 -21.20
C GLY A 468 -10.99 3.36 -20.50
N VAL A 469 -10.20 2.34 -20.20
CA VAL A 469 -8.91 2.52 -19.54
C VAL A 469 -7.83 1.67 -20.20
N VAL A 470 -6.70 2.29 -20.53
CA VAL A 470 -5.57 1.59 -21.16
C VAL A 470 -4.27 1.79 -20.38
N ASP A 471 -3.53 0.71 -20.15
CA ASP A 471 -2.23 0.79 -19.48
C ASP A 471 -1.23 1.53 -20.35
N TYR A 472 -0.32 2.29 -19.73
CA TYR A 472 0.70 3.01 -20.47
C TYR A 472 1.66 2.05 -21.16
N ARG A 473 1.86 0.90 -20.53
CA ARG A 473 2.70 -0.16 -21.09
C ARG A 473 2.24 -0.50 -22.51
N GLU A 474 0.93 -0.61 -22.67
CA GLU A 474 0.33 -0.91 -23.96
C GLU A 474 0.42 0.26 -24.92
N ILE A 475 0.06 1.44 -24.44
CA ILE A 475 0.08 2.66 -25.24
C ILE A 475 1.46 2.91 -25.84
N ALA A 476 2.48 2.82 -24.99
CA ALA A 476 3.86 3.04 -25.43
C ALA A 476 4.27 2.04 -26.50
N THR A 477 3.83 0.79 -26.33
CA THR A 477 4.14 -0.26 -27.29
C THR A 477 3.44 -0.02 -28.62
N GLU A 478 2.17 0.33 -28.56
CA GLU A 478 1.35 0.50 -29.75
C GLU A 478 1.71 1.76 -30.52
N ILE A 479 2.35 2.72 -29.86
CA ILE A 479 2.85 3.92 -30.54
C ILE A 479 4.06 3.54 -31.39
N ALA A 480 4.93 2.71 -30.84
CA ALA A 480 6.15 2.27 -31.50
C ALA A 480 5.85 1.32 -32.63
N GLN A 481 4.63 0.85 -32.71
CA GLN A 481 4.18 0.03 -33.84
C GLN A 481 3.36 0.85 -34.83
N GLY A 482 3.29 2.17 -34.59
CA GLY A 482 2.62 3.08 -35.51
C GLY A 482 1.12 2.93 -35.58
N LYS A 483 0.52 2.34 -34.55
CA LYS A 483 -0.93 2.17 -34.50
C LYS A 483 -1.65 3.41 -33.99
N TRP A 484 -0.89 4.48 -33.72
CA TRP A 484 -1.45 5.71 -33.19
C TRP A 484 -0.83 6.95 -33.83
N GLU A 485 -1.46 8.10 -33.60
CA GLU A 485 -0.86 9.39 -33.87
C GLU A 485 -0.54 10.07 -32.56
N TYR A 486 0.72 10.43 -32.34
CA TYR A 486 1.10 11.07 -31.09
C TYR A 486 1.07 12.59 -31.21
N HIS A 487 0.41 13.24 -30.26
CA HIS A 487 0.40 14.68 -30.18
C HIS A 487 0.71 15.12 -28.76
N TYR A 488 1.39 16.24 -28.60
CA TYR A 488 1.63 16.80 -27.28
C TYR A 488 1.10 18.22 -27.20
N ASP A 489 0.22 18.47 -26.23
CA ASP A 489 -0.30 19.80 -26.00
C ASP A 489 0.72 20.63 -25.23
N LYS A 490 1.41 21.52 -25.93
CA LYS A 490 2.47 22.33 -25.32
C LYS A 490 1.94 23.27 -24.24
N VAL A 491 0.69 23.67 -24.37
CA VAL A 491 0.09 24.64 -23.46
C VAL A 491 -0.41 23.96 -22.18
N ALA A 492 -1.11 22.85 -22.34
CA ALA A 492 -1.70 22.14 -21.21
C ALA A 492 -0.73 21.14 -20.61
N GLN A 493 0.38 20.91 -21.32
CA GLN A 493 1.40 19.96 -20.90
C GLN A 493 0.81 18.57 -20.65
N ALA A 494 0.30 17.96 -21.70
CA ALA A 494 -0.31 16.64 -21.60
C ALA A 494 -0.39 15.97 -22.97
N PRO A 495 0.10 14.73 -23.08
CA PRO A 495 0.08 14.00 -24.34
C PRO A 495 -1.28 13.37 -24.61
N TYR A 496 -1.46 12.87 -25.83
CA TYR A 496 -2.62 12.07 -26.17
C TYR A 496 -2.39 11.42 -27.53
N VAL A 497 -3.08 10.31 -27.78
CA VAL A 497 -2.96 9.63 -29.06
C VAL A 497 -4.31 9.57 -29.76
N PHE A 498 -4.28 9.60 -31.08
CA PHE A 498 -5.50 9.68 -31.87
C PHE A 498 -5.43 8.80 -33.12
N ARG A 499 -6.53 8.09 -33.39
CA ARG A 499 -6.62 7.25 -34.57
C ARG A 499 -7.81 7.68 -35.41
N PRO A 500 -7.55 8.53 -36.42
CA PRO A 500 -8.58 9.17 -37.26
C PRO A 500 -9.57 8.19 -37.88
N ALA A 501 -9.11 6.98 -38.20
CA ALA A 501 -9.96 5.99 -38.83
C ALA A 501 -11.14 5.60 -37.93
N THR A 502 -10.85 4.86 -36.87
CA THR A 502 -11.88 4.40 -35.94
C THR A 502 -12.35 5.52 -35.01
N GLY A 503 -11.60 6.63 -35.00
CA GLY A 503 -11.96 7.77 -34.19
C GLY A 503 -11.63 7.58 -32.72
N ASP A 504 -10.56 6.84 -32.44
CA ASP A 504 -10.17 6.53 -31.07
C ASP A 504 -9.29 7.63 -30.48
N LEU A 505 -9.65 8.07 -29.28
CA LEU A 505 -8.93 9.14 -28.60
C LEU A 505 -8.58 8.73 -27.18
N ILE A 506 -7.31 8.87 -26.81
CA ILE A 506 -6.85 8.43 -25.48
C ILE A 506 -6.05 9.50 -24.76
N THR A 507 -6.45 9.81 -23.53
CA THR A 507 -5.69 10.74 -22.68
C THR A 507 -4.82 9.97 -21.71
N TYR A 508 -3.63 10.50 -21.43
CA TYR A 508 -2.71 9.86 -20.50
C TYR A 508 -1.56 10.79 -20.14
N ASP A 509 -0.64 10.29 -19.31
CA ASP A 509 0.60 11.00 -19.02
C ASP A 509 1.77 10.20 -19.59
N ASP A 510 2.80 10.89 -20.07
CA ASP A 510 3.97 10.19 -20.58
C ASP A 510 5.25 10.74 -19.96
N ALA A 511 6.38 10.40 -20.53
CA ALA A 511 7.67 10.87 -20.04
C ALA A 511 7.73 12.39 -19.98
N ARG A 512 7.31 13.04 -21.06
CA ARG A 512 7.42 14.49 -21.19
C ARG A 512 6.64 15.26 -20.15
N SER A 513 5.37 14.89 -19.96
CA SER A 513 4.49 15.62 -19.05
C SER A 513 4.78 15.28 -17.59
N THR A 514 5.38 14.12 -17.35
CA THR A 514 5.72 13.71 -16.00
C THR A 514 6.93 14.50 -15.49
N ILE A 515 7.83 14.83 -16.41
CA ILE A 515 8.97 15.68 -16.08
C ILE A 515 8.50 17.09 -15.74
N GLU A 516 7.53 17.58 -16.51
CA GLU A 516 6.99 18.92 -16.30
C GLU A 516 6.19 19.00 -15.00
N LYS A 517 5.64 17.88 -14.57
CA LYS A 517 5.01 17.81 -13.26
C LYS A 517 6.09 17.84 -12.21
N GLY A 518 7.27 17.32 -12.56
CA GLY A 518 8.42 17.33 -11.68
C GLY A 518 8.97 18.73 -11.52
N LYS A 519 9.12 19.45 -12.62
CA LYS A 519 9.56 20.84 -12.59
C LYS A 519 8.62 21.70 -11.77
N TYR A 520 7.33 21.45 -11.96
CA TYR A 520 6.28 22.20 -11.28
C TYR A 520 6.40 22.02 -9.77
N VAL A 521 6.60 20.79 -9.33
CA VAL A 521 6.74 20.47 -7.92
C VAL A 521 7.98 21.14 -7.32
N ARG A 522 9.08 21.11 -8.08
CA ARG A 522 10.33 21.71 -7.61
C ARG A 522 10.25 23.23 -7.56
N ALA A 523 9.69 23.83 -8.61
CA ALA A 523 9.60 25.28 -8.71
C ALA A 523 8.67 25.86 -7.66
N ASN A 524 7.56 25.18 -7.40
CA ASN A 524 6.58 25.64 -6.43
C ASN A 524 6.80 25.03 -5.05
N LYS A 525 7.94 24.36 -4.88
CA LYS A 525 8.33 23.78 -3.59
C LYS A 525 7.28 22.83 -3.02
N LEU A 526 6.77 21.94 -3.86
CA LEU A 526 5.77 20.98 -3.42
C LEU A 526 6.43 19.72 -2.87
N GLY A 527 5.64 18.71 -2.55
CA GLY A 527 6.14 17.54 -1.84
C GLY A 527 6.83 16.50 -2.71
N GLY A 528 6.28 16.30 -3.90
CA GLY A 528 6.83 15.32 -4.82
C GLY A 528 5.76 14.81 -5.77
N LEU A 529 5.90 13.57 -6.24
CA LEU A 529 4.96 12.99 -7.18
C LEU A 529 4.51 11.61 -6.70
N PHE A 530 3.36 11.16 -7.18
CA PHE A 530 2.91 9.80 -6.90
C PHE A 530 2.05 9.29 -8.05
N ALA A 531 2.06 7.98 -8.25
CA ALA A 531 1.49 7.40 -9.46
C ALA A 531 0.49 6.29 -9.17
N TRP A 532 -0.53 6.23 -10.01
CA TRP A 532 -1.54 5.19 -9.98
C TRP A 532 -1.69 4.69 -11.41
N GLU A 533 -1.38 3.43 -11.68
CA GLU A 533 -0.89 2.47 -10.69
C GLU A 533 0.45 1.89 -11.15
N ILE A 534 1.15 1.24 -10.22
CA ILE A 534 2.53 0.80 -10.45
C ILE A 534 2.67 -0.24 -11.58
N ASP A 535 1.63 -1.03 -11.80
CA ASP A 535 1.73 -2.16 -12.73
C ASP A 535 1.38 -1.77 -14.16
N ALA A 536 0.90 -0.54 -14.33
CA ALA A 536 0.51 -0.06 -15.65
C ALA A 536 1.67 0.62 -16.36
N ASP A 537 2.86 0.50 -15.77
CA ASP A 537 4.04 1.18 -16.28
C ASP A 537 5.01 0.19 -16.91
N ASN A 538 5.80 0.67 -17.87
CA ASN A 538 6.86 -0.13 -18.44
C ASN A 538 8.21 0.35 -17.94
N GLY A 539 8.17 1.37 -17.08
CA GLY A 539 9.38 1.91 -16.49
C GLY A 539 9.65 3.33 -16.95
N ASP A 540 8.97 3.77 -18.00
CA ASP A 540 9.22 5.09 -18.58
C ASP A 540 8.70 6.24 -17.72
N ILE A 541 7.58 6.04 -17.06
CA ILE A 541 6.96 7.11 -16.29
C ILE A 541 7.61 7.27 -14.92
N LEU A 542 7.98 6.14 -14.32
CA LEU A 542 8.68 6.20 -13.03
C LEU A 542 10.06 6.83 -13.20
N ASN A 543 10.70 6.53 -14.33
CA ASN A 543 11.99 7.15 -14.65
C ASN A 543 11.85 8.65 -14.80
N ALA A 544 10.76 9.08 -15.44
CA ALA A 544 10.50 10.49 -15.65
C ALA A 544 10.17 11.13 -14.31
N MET A 545 9.57 10.34 -13.43
CA MET A 545 9.29 10.79 -12.10
C MET A 545 10.58 11.11 -11.33
N ASN A 546 11.66 10.35 -11.42
CA ASN A 546 12.74 10.78 -10.54
C ASN A 546 13.74 11.69 -11.30
N MET A 547 13.74 11.64 -12.63
CA MET A 547 14.52 12.63 -13.38
C MET A 547 13.94 14.02 -13.17
N GLY A 548 12.61 14.08 -13.16
CA GLY A 548 11.89 15.33 -13.01
C GLY A 548 12.01 15.91 -11.62
N LEU A 549 12.14 15.04 -10.62
CA LEU A 549 12.29 15.47 -9.24
C LEU A 549 13.76 15.63 -8.88
N GLY A 550 14.63 15.42 -9.85
CA GLY A 550 16.06 15.64 -9.68
C GLY A 550 16.81 14.58 -8.91
N ASN A 551 16.43 13.32 -9.11
CA ASN A 551 17.14 12.22 -8.48
C ASN A 551 18.38 11.82 -9.27
N SER A 552 19.20 10.95 -8.68
CA SER A 552 20.45 10.53 -9.30
C SER A 552 20.35 9.12 -9.87
N ALA A 553 21.15 8.83 -10.88
CA ALA A 553 21.16 7.51 -11.50
C ALA A 553 22.51 6.81 -11.31
C1 NAG B . -22.49 7.15 -25.49
C2 NAG B . -23.35 6.85 -24.26
C3 NAG B . -23.95 5.44 -24.34
C4 NAG B . -24.67 5.23 -25.66
C5 NAG B . -23.72 5.55 -26.81
C6 NAG B . -24.39 5.46 -28.16
C7 NAG B . -22.69 8.04 -22.21
C8 NAG B . -21.81 8.01 -20.99
N2 NAG B . -22.56 7.00 -23.04
O3 NAG B . -24.88 5.27 -23.28
O4 NAG B . -25.11 3.88 -25.78
O5 NAG B . -23.25 6.89 -26.65
O6 NAG B . -24.61 6.76 -28.69
O7 NAG B . -23.46 8.96 -22.43
C1 NAG C . -21.80 17.04 -28.95
C2 NAG C . -22.29 17.80 -30.18
C3 NAG C . -22.91 19.13 -29.76
C4 NAG C . -24.00 18.91 -28.72
C5 NAG C . -23.43 18.12 -27.55
C6 NAG C . -24.47 17.77 -26.52
C7 NAG C . -21.22 17.47 -32.36
C8 NAG C . -20.03 17.79 -33.21
N2 NAG C . -21.22 18.01 -31.13
O3 NAG C . -23.46 19.79 -30.90
O4 NAG C . -24.50 20.16 -28.26
O5 NAG C . -22.88 16.88 -28.02
O6 NAG C . -25.09 18.93 -25.99
O7 NAG C . -22.15 16.77 -32.75
#